data_2FJV
#
_entry.id   2FJV
#
_cell.length_a   54.552
_cell.length_b   145.65
_cell.length_c   46.838
_cell.angle_alpha   90
_cell.angle_beta   90
_cell.angle_gamma   90
#
_symmetry.space_group_name_H-M   'P 21 21 2'
#
loop_
_entity.id
_entity.type
_entity.pdbx_description
1 polymer "5'-D(*CP*TP*TP*AP*AP*TP*TP*C)-3'"
2 polymer "5'-D(P*GP*AP*AP*TP*TP*AP*AP*G)-3'"
3 polymer 'Reverse transcriptase'
4 non-polymer 2-(4-(4-CARBAMIMIDOYLPHENOXY)PHENYL)-1H-BENZO[D]IMIDAZOLE-6-CARBOXIMIDAMIDE
5 water water
#
loop_
_entity_poly.entity_id
_entity_poly.type
_entity_poly.pdbx_seq_one_letter_code
_entity_poly.pdbx_strand_id
1 'polydeoxyribonucleotide' (DC)(DT)(DT)(DA)(DA)(DT)(DT)(DC) B
2 'polydeoxyribonucleotide' (DG)(DA)(DA)(DT)(DT)(DA)(DA)(DG) G
3 'polypeptide(L)'
;TWLSDFPQAWAETGGMGLAVRQAPLIIPLKATSTPVSIKQYPMSQEARLGIKPHIQRLLDQGILVPCQSPWNTPLLPVKK
PGTNDYRPVQDLREVNKRVEDIHPTVPNPYNLLSGLPPSHQWYTVLDLKDAFFCLRLHPTSQPLFAFEWRDPEMGISGQL
TWTRLPQGFKNSPTLFDEALHRDLADFRIQHPDLILLQYVDDLLLAATSELDCQQGTRALLQTLGNLGYRASAKKAQICQ
KQVKYLGYLLKEGQR
;
A
#
loop_
_chem_comp.id
_chem_comp.type
_chem_comp.name
_chem_comp.formula
DA DNA linking 2'-DEOXYADENOSINE-5'-MONOPHOSPHATE 'C10 H14 N5 O6 P'
DC DNA linking 2'-DEOXYCYTIDINE-5'-MONOPHOSPHATE 'C9 H14 N3 O7 P'
DG DNA linking 2'-DEOXYGUANOSINE-5'-MONOPHOSPHATE 'C10 H14 N5 O7 P'
DT DNA linking THYMIDINE-5'-MONOPHOSPHATE 'C10 H15 N2 O8 P'
HXL non-polymer 2-(4-(4-CARBAMIMIDOYLPHENOXY)PHENYL)-1H-BENZO[D]IMIDAZOLE-6-CARBOXIMIDAMIDE 'C21 H18 N6 O'
#
# COMPACT_ATOMS: atom_id res chain seq x y z
N THR C 1 4.67 -7.69 -24.66
CA THR C 1 4.45 -8.86 -23.77
C THR C 1 5.02 -8.63 -22.38
N TRP C 2 5.01 -7.37 -21.93
CA TRP C 2 5.54 -7.06 -20.60
C TRP C 2 4.84 -7.91 -19.56
N LEU C 3 3.56 -8.21 -19.81
CA LEU C 3 2.77 -9.01 -18.89
C LEU C 3 3.32 -10.43 -18.76
N SER C 4 3.64 -11.05 -19.89
CA SER C 4 4.15 -12.41 -19.90
C SER C 4 5.60 -12.57 -19.44
N ASP C 5 6.43 -11.57 -19.71
CA ASP C 5 7.84 -11.61 -19.34
C ASP C 5 8.06 -11.49 -17.82
N PHE C 6 7.09 -10.91 -17.12
CA PHE C 6 7.23 -10.71 -15.69
C PHE C 6 5.95 -11.08 -14.94
N PRO C 7 5.62 -12.37 -14.89
CA PRO C 7 4.43 -12.92 -14.23
C PRO C 7 4.33 -12.56 -12.76
N GLN C 8 5.47 -12.61 -12.07
CA GLN C 8 5.56 -12.34 -10.65
C GLN C 8 5.40 -10.87 -10.25
N ALA C 9 5.73 -9.95 -11.14
CA ALA C 9 5.65 -8.53 -10.82
C ALA C 9 4.25 -7.91 -10.87
N TRP C 10 3.40 -8.43 -11.75
CA TRP C 10 2.05 -7.86 -11.88
C TRP C 10 1.06 -8.44 -10.89
N ALA C 11 0.24 -7.55 -10.32
CA ALA C 11 -0.77 -7.95 -9.35
C ALA C 11 -1.78 -8.90 -9.99
N GLU C 12 -1.95 -8.77 -11.30
CA GLU C 12 -2.90 -9.63 -12.00
C GLU C 12 -2.41 -11.06 -12.18
N THR C 13 -1.09 -11.28 -12.06
CA THR C 13 -0.54 -12.62 -12.25
C THR C 13 0.40 -13.17 -11.18
N GLY C 14 0.75 -12.36 -10.17
CA GLY C 14 1.68 -12.86 -9.18
C GLY C 14 1.13 -13.11 -7.77
N GLY C 15 -0.18 -13.00 -7.61
CA GLY C 15 -0.76 -13.22 -6.29
C GLY C 15 -0.50 -12.04 -5.40
N MET C 16 -1.13 -12.03 -4.22
CA MET C 16 -0.95 -10.93 -3.27
C MET C 16 0.52 -10.76 -2.93
N GLY C 17 0.93 -9.53 -2.65
CA GLY C 17 2.32 -9.26 -2.33
C GLY C 17 2.65 -9.50 -0.87
N LEU C 18 3.94 -9.46 -0.56
CA LEU C 18 4.46 -9.66 0.78
C LEU C 18 5.93 -9.29 0.67
N ALA C 19 6.32 -8.19 1.32
CA ALA C 19 7.70 -7.72 1.29
C ALA C 19 8.53 -8.66 2.17
N VAL C 20 9.04 -9.72 1.56
CA VAL C 20 9.81 -10.73 2.28
C VAL C 20 11.09 -10.25 2.96
N ARG C 21 11.67 -9.17 2.47
CA ARG C 21 12.93 -8.65 3.02
C ARG C 21 12.70 -7.70 4.21
N GLN C 22 11.46 -7.26 4.38
CA GLN C 22 11.14 -6.34 5.46
C GLN C 22 10.67 -7.02 6.73
N ALA C 23 11.33 -6.68 7.82
CA ALA C 23 10.98 -7.27 9.11
C ALA C 23 9.60 -6.75 9.54
N PRO C 24 8.79 -7.62 10.17
CA PRO C 24 7.46 -7.21 10.62
C PRO C 24 7.57 -5.91 11.43
N LEU C 25 6.69 -4.96 11.13
CA LEU C 25 6.74 -3.66 11.79
C LEU C 25 6.18 -3.62 13.21
N ILE C 26 6.92 -2.96 14.10
CA ILE C 26 6.51 -2.80 15.50
C ILE C 26 6.12 -1.33 15.62
N ILE C 27 4.89 -1.07 16.08
CA ILE C 27 4.37 0.29 16.20
C ILE C 27 4.43 0.84 17.63
N PRO C 28 5.41 1.73 17.91
CA PRO C 28 5.58 2.31 19.25
C PRO C 28 4.45 3.25 19.68
N LEU C 29 3.97 3.08 20.91
CA LEU C 29 2.90 3.93 21.42
C LEU C 29 3.50 5.09 22.19
N LYS C 30 2.73 6.17 22.33
CA LYS C 30 3.17 7.31 23.11
C LYS C 30 3.36 6.77 24.53
N ALA C 31 4.20 7.44 25.30
CA ALA C 31 4.52 7.03 26.66
C ALA C 31 3.35 6.86 27.64
N THR C 32 2.30 7.63 27.47
CA THR C 32 1.17 7.54 28.37
C THR C 32 -0.04 6.79 27.80
N SER C 33 0.10 6.25 26.60
CA SER C 33 -1.02 5.54 25.97
C SER C 33 -1.48 4.27 26.67
N THR C 34 -2.80 4.12 26.73
CA THR C 34 -3.43 2.95 27.32
C THR C 34 -4.48 2.53 26.27
N PRO C 35 -4.72 1.22 26.10
CA PRO C 35 -5.70 0.79 25.10
C PRO C 35 -7.08 1.43 25.22
N VAL C 36 -7.71 1.67 24.06
CA VAL C 36 -9.05 2.23 24.03
C VAL C 36 -9.95 1.26 23.26
N SER C 37 -11.13 0.98 23.80
CA SER C 37 -12.09 0.07 23.18
C SER C 37 -13.37 0.82 22.85
N ILE C 38 -13.52 1.20 21.60
CA ILE C 38 -14.70 1.92 21.15
C ILE C 38 -15.72 0.94 20.60
N LYS C 39 -16.97 1.06 21.06
CA LYS C 39 -18.01 0.17 20.60
C LYS C 39 -18.37 0.33 19.13
N GLN C 40 -18.67 -0.79 18.51
CA GLN C 40 -19.05 -0.82 17.10
C GLN C 40 -20.50 -0.38 16.95
N TYR C 41 -20.74 0.66 16.16
CA TYR C 41 -22.12 1.08 15.95
C TYR C 41 -22.81 -0.05 15.19
N PRO C 42 -24.07 -0.34 15.53
CA PRO C 42 -24.78 -1.41 14.83
C PRO C 42 -24.80 -1.17 13.33
N MET C 43 -24.42 -2.20 12.59
CA MET C 43 -24.37 -2.11 11.15
C MET C 43 -25.60 -2.78 10.56
N SER C 44 -26.22 -2.13 9.58
CA SER C 44 -27.40 -2.67 8.94
C SER C 44 -27.03 -3.92 8.16
N GLN C 45 -28.01 -4.76 7.87
CA GLN C 45 -27.71 -5.97 7.11
C GLN C 45 -27.14 -5.64 5.73
N GLU C 46 -27.66 -4.60 5.10
CA GLU C 46 -27.18 -4.22 3.77
C GLU C 46 -25.68 -3.91 3.77
N ALA C 47 -25.25 -3.13 4.77
CA ALA C 47 -23.83 -2.77 4.86
C ALA C 47 -23.00 -4.01 5.17
N ARG C 48 -23.53 -4.86 6.03
CA ARG C 48 -22.85 -6.08 6.43
C ARG C 48 -22.69 -7.04 5.25
N LEU C 49 -23.72 -7.11 4.41
CA LEU C 49 -23.69 -7.99 3.24
C LEU C 49 -22.71 -7.44 2.21
N GLY C 50 -22.58 -6.13 2.15
CA GLY C 50 -21.66 -5.52 1.20
C GLY C 50 -20.21 -5.76 1.62
N ILE C 51 -19.95 -5.56 2.90
CA ILE C 51 -18.60 -5.73 3.45
C ILE C 51 -18.14 -7.20 3.54
N LYS C 52 -19.08 -8.08 3.84
CA LYS C 52 -18.79 -9.51 4.01
C LYS C 52 -17.76 -10.15 3.08
N PRO C 53 -17.97 -10.09 1.75
CA PRO C 53 -17.04 -10.68 0.78
C PRO C 53 -15.59 -10.20 0.98
N HIS C 54 -15.42 -8.92 1.25
CA HIS C 54 -14.09 -8.37 1.45
C HIS C 54 -13.43 -8.98 2.69
N ILE C 55 -14.18 -9.05 3.78
CA ILE C 55 -13.66 -9.62 5.02
C ILE C 55 -13.22 -11.06 4.83
N GLN C 56 -14.03 -11.85 4.11
CA GLN C 56 -13.71 -13.24 3.88
C GLN C 56 -12.46 -13.38 3.01
N ARG C 57 -12.37 -12.55 1.98
CA ARG C 57 -11.23 -12.56 1.09
C ARG C 57 -9.95 -12.28 1.91
N LEU C 58 -10.00 -11.28 2.77
CA LEU C 58 -8.85 -10.92 3.60
C LEU C 58 -8.51 -12.00 4.61
N LEU C 59 -9.53 -12.68 5.13
CA LEU C 59 -9.29 -13.76 6.09
C LEU C 59 -8.60 -14.90 5.34
N ASP C 60 -9.09 -15.20 4.14
CA ASP C 60 -8.51 -16.27 3.34
C ASP C 60 -7.04 -15.95 3.01
N GLN C 61 -6.76 -14.68 2.76
CA GLN C 61 -5.40 -14.26 2.43
C GLN C 61 -4.51 -14.14 3.68
N GLY C 62 -5.11 -14.33 4.85
CA GLY C 62 -4.35 -14.25 6.08
C GLY C 62 -4.02 -12.84 6.49
N ILE C 63 -4.56 -11.88 5.75
CA ILE C 63 -4.31 -10.47 6.04
C ILE C 63 -5.11 -10.08 7.29
N LEU C 64 -6.22 -10.77 7.52
CA LEU C 64 -7.04 -10.54 8.70
C LEU C 64 -7.06 -11.85 9.49
N VAL C 65 -6.97 -11.76 10.81
CA VAL C 65 -7.01 -12.94 11.66
C VAL C 65 -7.87 -12.69 12.89
N PRO C 66 -8.48 -13.75 13.45
CA PRO C 66 -9.31 -13.57 14.64
C PRO C 66 -8.40 -13.17 15.78
N CYS C 67 -8.96 -12.53 16.80
CA CYS C 67 -8.16 -12.14 17.95
C CYS C 67 -9.05 -11.62 19.06
N GLN C 68 -8.45 -11.44 20.24
CA GLN C 68 -9.11 -10.90 21.42
C GLN C 68 -8.17 -9.79 21.82
N SER C 69 -8.65 -8.54 21.77
CA SER C 69 -7.79 -7.41 22.08
C SER C 69 -8.47 -6.33 22.91
N PRO C 70 -7.70 -5.67 23.79
CA PRO C 70 -8.27 -4.61 24.63
C PRO C 70 -8.50 -3.35 23.80
N TRP C 71 -8.03 -3.37 22.55
CA TRP C 71 -8.22 -2.25 21.64
C TRP C 71 -9.39 -2.61 20.72
N ASN C 72 -10.11 -1.58 20.28
CA ASN C 72 -11.21 -1.80 19.35
C ASN C 72 -11.64 -0.47 18.75
N THR C 73 -11.72 -0.42 17.43
CA THR C 73 -12.16 0.80 16.76
C THR C 73 -13.28 0.38 15.82
N PRO C 74 -14.16 1.32 15.46
CA PRO C 74 -15.32 1.13 14.58
C PRO C 74 -15.06 0.90 13.09
N LEU C 75 -15.94 0.12 12.50
CA LEU C 75 -15.92 -0.17 11.07
C LEU C 75 -17.05 0.72 10.55
N LEU C 76 -16.88 1.28 9.36
CA LEU C 76 -17.91 2.15 8.79
C LEU C 76 -18.58 1.61 7.54
N PRO C 77 -19.89 1.88 7.39
CA PRO C 77 -20.70 1.46 6.24
C PRO C 77 -20.39 2.42 5.08
N VAL C 78 -19.15 2.41 4.60
CA VAL C 78 -18.73 3.30 3.53
C VAL C 78 -18.92 2.76 2.12
N LYS C 79 -19.22 3.69 1.21
CA LYS C 79 -19.43 3.39 -0.21
C LYS C 79 -19.12 4.68 -0.96
N LYS C 80 -19.75 4.89 -2.12
CA LYS C 80 -19.50 6.11 -2.88
C LYS C 80 -20.72 6.56 -3.70
N PRO C 81 -21.11 5.80 -4.74
CA PRO C 81 -22.27 6.20 -5.56
C PRO C 81 -23.58 6.25 -4.76
N GLY C 82 -24.22 5.10 -4.60
CA GLY C 82 -25.46 5.03 -3.87
C GLY C 82 -25.38 4.08 -2.69
N THR C 83 -25.27 2.79 -2.98
CA THR C 83 -25.16 1.76 -1.96
C THR C 83 -24.36 0.56 -2.49
N ASN C 84 -23.30 0.85 -3.23
CA ASN C 84 -22.44 -0.19 -3.80
C ASN C 84 -21.04 -0.16 -3.19
N ASP C 85 -20.14 -0.95 -3.77
CA ASP C 85 -18.75 -1.03 -3.33
C ASP C 85 -18.62 -0.77 -1.82
N TYR C 86 -19.01 -1.74 -1.02
CA TYR C 86 -18.94 -1.60 0.42
C TYR C 86 -17.60 -2.02 1.02
N ARG C 87 -16.52 -1.42 0.54
CA ARG C 87 -15.22 -1.76 1.10
C ARG C 87 -15.20 -1.29 2.55
N PRO C 88 -14.70 -2.13 3.46
CA PRO C 88 -14.63 -1.83 4.90
C PRO C 88 -13.72 -0.64 5.18
N VAL C 89 -14.21 0.34 5.92
CA VAL C 89 -13.41 1.49 6.28
C VAL C 89 -13.34 1.60 7.79
N GLN C 90 -12.13 1.53 8.32
CA GLN C 90 -11.93 1.58 9.77
C GLN C 90 -11.57 2.99 10.25
N ASP C 91 -12.23 3.43 11.31
CA ASP C 91 -11.95 4.73 11.89
C ASP C 91 -10.87 4.56 12.94
N LEU C 92 -9.62 4.72 12.52
CA LEU C 92 -8.46 4.56 13.40
C LEU C 92 -7.98 5.85 14.09
N ARG C 93 -8.81 6.87 14.15
CA ARG C 93 -8.40 8.11 14.78
C ARG C 93 -8.00 8.01 16.26
N GLU C 94 -8.73 7.24 17.06
CA GLU C 94 -8.36 7.10 18.49
C GLU C 94 -7.09 6.26 18.65
N VAL C 95 -6.79 5.44 17.64
CA VAL C 95 -5.58 4.64 17.69
C VAL C 95 -4.43 5.56 17.27
N ASN C 96 -4.64 6.33 16.20
CA ASN C 96 -3.61 7.26 15.72
C ASN C 96 -3.16 8.24 16.81
N LYS C 97 -4.11 8.72 17.62
CA LYS C 97 -3.80 9.67 18.67
C LYS C 97 -2.92 9.11 19.78
N ARG C 98 -2.88 7.79 19.89
CA ARG C 98 -2.10 7.13 20.93
C ARG C 98 -0.78 6.54 20.41
N VAL C 99 -0.54 6.62 19.11
CA VAL C 99 0.68 6.10 18.50
C VAL C 99 1.72 7.23 18.39
N GLU C 100 2.96 6.93 18.76
CA GLU C 100 4.04 7.91 18.73
C GLU C 100 4.28 8.48 17.32
N ASP C 101 4.43 9.79 17.22
CA ASP C 101 4.66 10.44 15.94
C ASP C 101 6.03 10.12 15.35
N ILE C 102 6.10 10.11 14.02
CA ILE C 102 7.36 9.89 13.34
C ILE C 102 7.56 11.06 12.35
N HIS C 103 8.79 11.31 11.97
CA HIS C 103 9.07 12.40 11.04
C HIS C 103 8.45 12.10 9.68
N PRO C 104 7.81 13.10 9.05
CA PRO C 104 7.19 12.91 7.73
C PRO C 104 8.28 12.95 6.66
N THR C 105 8.75 11.78 6.22
CA THR C 105 9.82 11.75 5.24
C THR C 105 9.39 11.68 3.78
N VAL C 106 8.09 11.54 3.53
CA VAL C 106 7.63 11.48 2.15
C VAL C 106 7.60 12.92 1.62
N PRO C 107 8.40 13.19 0.58
CA PRO C 107 8.47 14.54 -0.02
C PRO C 107 7.15 14.89 -0.72
N ASN C 108 6.84 16.18 -0.80
CA ASN C 108 5.61 16.56 -1.50
C ASN C 108 5.88 16.44 -2.99
N PRO C 109 4.84 16.08 -3.76
CA PRO C 109 4.97 15.92 -5.21
C PRO C 109 5.80 16.98 -5.93
N TYR C 110 5.57 18.25 -5.62
CA TYR C 110 6.30 19.33 -6.26
C TYR C 110 7.82 19.17 -6.12
N ASN C 111 8.29 18.99 -4.90
CA ASN C 111 9.73 18.83 -4.68
C ASN C 111 10.26 17.53 -5.26
N LEU C 112 9.45 16.48 -5.22
CA LEU C 112 9.88 15.20 -5.75
C LEU C 112 10.14 15.31 -7.25
N LEU C 113 9.25 15.99 -7.97
CA LEU C 113 9.43 16.14 -9.42
C LEU C 113 10.59 17.05 -9.79
N SER C 114 11.00 17.92 -8.88
CA SER C 114 12.11 18.83 -9.17
C SER C 114 13.36 18.01 -9.52
N GLY C 115 13.37 16.76 -9.06
CA GLY C 115 14.50 15.89 -9.31
C GLY C 115 14.45 15.18 -10.65
N LEU C 116 13.59 15.66 -11.55
CA LEU C 116 13.46 15.07 -12.88
C LEU C 116 14.23 15.94 -13.89
N PRO C 117 15.38 15.46 -14.36
CA PRO C 117 16.23 16.17 -15.34
C PRO C 117 15.67 16.16 -16.77
N PRO C 118 15.88 17.26 -17.51
CA PRO C 118 15.42 17.39 -18.90
C PRO C 118 16.05 16.31 -19.78
N SER C 119 17.23 15.85 -19.37
CA SER C 119 17.98 14.84 -20.08
C SER C 119 17.28 13.48 -20.18
N HIS C 120 16.37 13.22 -19.24
CA HIS C 120 15.63 11.96 -19.21
C HIS C 120 14.18 12.16 -19.61
N GLN C 121 13.86 11.90 -20.88
CA GLN C 121 12.48 12.10 -21.32
C GLN C 121 11.70 10.84 -21.68
N TRP C 122 12.23 9.68 -21.31
CA TRP C 122 11.53 8.42 -21.56
C TRP C 122 11.08 7.89 -20.19
N TYR C 123 9.77 7.89 -19.99
CA TYR C 123 9.20 7.50 -18.71
C TYR C 123 8.41 6.20 -18.64
N THR C 124 8.41 5.63 -17.44
CA THR C 124 7.65 4.42 -17.12
C THR C 124 7.06 4.72 -15.75
N VAL C 125 5.73 4.63 -15.66
CA VAL C 125 5.07 4.87 -14.39
C VAL C 125 4.40 3.59 -13.95
N LEU C 126 4.55 3.29 -12.67
CA LEU C 126 3.96 2.09 -12.09
C LEU C 126 3.39 2.43 -10.73
N ASP C 127 2.26 1.84 -10.38
CA ASP C 127 1.70 2.05 -9.07
C ASP C 127 1.55 0.66 -8.46
N LEU C 128 2.03 0.50 -7.25
CA LEU C 128 1.96 -0.79 -6.58
C LEU C 128 0.57 -1.02 -6.01
N LYS C 129 0.05 -2.23 -6.22
CA LYS C 129 -1.28 -2.60 -5.75
C LYS C 129 -1.23 -3.10 -4.31
N ASP C 130 -2.18 -2.68 -3.49
CA ASP C 130 -2.26 -3.08 -2.09
C ASP C 130 -0.87 -3.00 -1.45
N ALA C 131 -0.21 -1.87 -1.65
CA ALA C 131 1.11 -1.64 -1.12
C ALA C 131 1.24 -1.87 0.37
N PHE C 132 0.41 -1.20 1.17
CA PHE C 132 0.48 -1.35 2.63
C PHE C 132 0.36 -2.80 3.07
N PHE C 133 -0.53 -3.55 2.42
CA PHE C 133 -0.74 -4.95 2.77
C PHE C 133 0.49 -5.80 2.51
N CYS C 134 1.48 -5.26 1.80
CA CYS C 134 2.69 -6.01 1.55
C CYS C 134 3.63 -5.98 2.76
N LEU C 135 3.44 -5.03 3.66
CA LEU C 135 4.29 -4.94 4.84
C LEU C 135 3.68 -5.63 6.05
N ARG C 136 4.38 -6.62 6.59
CA ARG C 136 3.91 -7.35 7.75
C ARG C 136 3.91 -6.51 9.02
N LEU C 137 2.96 -6.79 9.91
CA LEU C 137 2.87 -6.10 11.19
C LEU C 137 3.39 -7.10 12.20
N HIS C 138 4.25 -6.67 13.12
CA HIS C 138 4.76 -7.59 14.13
C HIS C 138 3.56 -8.02 15.01
N PRO C 139 3.53 -9.29 15.44
CA PRO C 139 2.45 -9.80 16.27
C PRO C 139 2.14 -8.94 17.49
N THR C 140 3.15 -8.31 18.07
CA THR C 140 2.95 -7.47 19.25
C THR C 140 2.16 -6.20 18.93
N SER C 141 2.24 -5.74 17.68
CA SER C 141 1.50 -4.52 17.30
C SER C 141 0.15 -4.83 16.66
N GLN C 142 -0.08 -6.08 16.30
CA GLN C 142 -1.34 -6.44 15.66
C GLN C 142 -2.62 -6.13 16.45
N PRO C 143 -2.67 -6.43 17.77
CA PRO C 143 -3.86 -6.16 18.59
C PRO C 143 -4.35 -4.71 18.55
N LEU C 144 -3.43 -3.80 18.26
CA LEU C 144 -3.74 -2.38 18.22
C LEU C 144 -4.83 -1.99 17.20
N PHE C 145 -4.91 -2.73 16.10
CA PHE C 145 -5.87 -2.42 15.04
C PHE C 145 -7.14 -3.27 14.97
N ALA C 146 -7.48 -3.91 16.07
CA ALA C 146 -8.64 -4.78 16.14
C ALA C 146 -9.98 -4.07 15.97
N PHE C 147 -10.95 -4.79 15.42
CA PHE C 147 -12.31 -4.27 15.24
C PHE C 147 -13.27 -5.44 15.37
N GLU C 148 -14.55 -5.13 15.58
CA GLU C 148 -15.54 -6.18 15.76
C GLU C 148 -16.18 -6.66 14.46
N TRP C 149 -16.43 -7.96 14.37
CA TRP C 149 -17.07 -8.52 13.20
C TRP C 149 -18.02 -9.63 13.61
N ARG C 150 -19.31 -9.42 13.33
CA ARG C 150 -20.32 -10.40 13.67
C ARG C 150 -21.09 -10.86 12.46
N ASP C 151 -21.54 -12.12 12.52
CA ASP C 151 -22.32 -12.72 11.46
C ASP C 151 -23.54 -13.35 12.14
N PRO C 152 -24.62 -12.57 12.31
CA PRO C 152 -25.87 -12.99 12.95
C PRO C 152 -26.27 -14.44 12.68
N GLU C 153 -25.77 -15.01 11.59
CA GLU C 153 -26.06 -16.39 11.24
C GLU C 153 -24.89 -17.27 11.68
N MET C 154 -24.39 -17.01 12.88
CA MET C 154 -23.27 -17.76 13.45
C MET C 154 -22.08 -17.69 12.48
N GLY C 155 -21.27 -16.65 12.63
CA GLY C 155 -20.11 -16.49 11.76
C GLY C 155 -18.78 -16.45 12.50
N ILE C 156 -18.43 -15.28 13.01
CA ILE C 156 -17.18 -15.12 13.75
C ILE C 156 -17.45 -14.77 15.22
N SER C 157 -16.57 -15.25 16.09
CA SER C 157 -16.68 -15.03 17.53
C SER C 157 -16.82 -13.55 17.89
N GLY C 158 -15.80 -12.77 17.57
CA GLY C 158 -15.85 -11.35 17.88
C GLY C 158 -14.94 -10.45 17.08
N GLN C 159 -13.72 -10.24 17.57
CA GLN C 159 -12.76 -9.36 16.91
C GLN C 159 -11.85 -10.00 15.88
N LEU C 160 -11.40 -9.17 14.94
CA LEU C 160 -10.48 -9.54 13.88
C LEU C 160 -9.44 -8.41 13.87
N THR C 161 -8.24 -8.68 13.39
CA THR C 161 -7.25 -7.62 13.28
C THR C 161 -6.31 -7.86 12.12
N TRP C 162 -5.54 -6.84 11.77
CA TRP C 162 -4.62 -6.91 10.64
C TRP C 162 -3.26 -7.50 10.98
N THR C 163 -2.70 -8.25 10.02
CA THR C 163 -1.37 -8.83 10.19
C THR C 163 -0.45 -8.02 9.27
N ARG C 164 -1.05 -7.07 8.56
CA ARG C 164 -0.33 -6.20 7.63
C ARG C 164 -0.60 -4.73 7.96
N LEU C 165 0.25 -3.84 7.44
CA LEU C 165 0.11 -2.40 7.66
C LEU C 165 -1.29 -2.04 7.13
N PRO C 166 -2.16 -1.52 8.00
CA PRO C 166 -3.52 -1.15 7.62
C PRO C 166 -3.80 0.22 7.04
N GLN C 167 -4.91 0.30 6.33
CA GLN C 167 -5.35 1.55 5.74
C GLN C 167 -5.91 2.37 6.91
N GLY C 168 -5.79 3.69 6.84
CA GLY C 168 -6.32 4.54 7.89
C GLY C 168 -5.38 4.82 9.05
N PHE C 169 -4.24 4.13 9.08
CA PHE C 169 -3.25 4.32 10.13
C PHE C 169 -2.39 5.52 9.69
N LYS C 170 -2.22 6.51 10.58
CA LYS C 170 -1.47 7.72 10.23
C LYS C 170 -0.04 7.53 9.71
N ASN C 171 0.65 6.49 10.13
CA ASN C 171 2.02 6.30 9.66
C ASN C 171 2.22 5.30 8.52
N SER C 172 1.13 4.74 8.00
CA SER C 172 1.26 3.78 6.91
C SER C 172 1.97 4.32 5.67
N PRO C 173 1.56 5.50 5.16
CA PRO C 173 2.24 6.04 3.97
C PRO C 173 3.74 6.21 4.17
N THR C 174 4.11 6.87 5.25
CA THR C 174 5.53 7.10 5.53
C THR C 174 6.31 5.79 5.73
N LEU C 175 5.77 4.89 6.54
CA LEU C 175 6.45 3.61 6.78
C LEU C 175 6.60 2.81 5.48
N PHE C 176 5.62 2.89 4.60
CA PHE C 176 5.73 2.17 3.36
C PHE C 176 6.78 2.79 2.45
N ASP C 177 6.81 4.11 2.40
CA ASP C 177 7.79 4.83 1.57
C ASP C 177 9.22 4.51 2.02
N GLU C 178 9.45 4.56 3.34
CA GLU C 178 10.77 4.26 3.90
C GLU C 178 11.14 2.82 3.55
N ALA C 179 10.21 1.90 3.76
CA ALA C 179 10.46 0.52 3.36
C ALA C 179 10.33 0.76 1.85
N LEU C 180 10.76 -0.17 1.03
CA LEU C 180 10.69 0.07 -0.42
C LEU C 180 11.89 0.94 -0.75
N HIS C 181 12.04 2.09 -0.10
CA HIS C 181 13.23 2.89 -0.38
C HIS C 181 14.39 1.97 0.02
N ARG C 182 14.23 1.29 1.16
CA ARG C 182 15.28 0.37 1.62
C ARG C 182 15.43 -0.80 0.66
N ASP C 183 14.30 -1.31 0.18
CA ASP C 183 14.33 -2.44 -0.75
C ASP C 183 14.81 -2.10 -2.15
N LEU C 184 14.70 -0.83 -2.55
CA LEU C 184 15.14 -0.41 -3.88
C LEU C 184 16.51 0.28 -3.92
N ALA C 185 17.17 0.39 -2.77
CA ALA C 185 18.48 1.04 -2.70
C ALA C 185 19.48 0.39 -3.66
N ASP C 186 19.50 -0.94 -3.67
CA ASP C 186 20.42 -1.66 -4.55
C ASP C 186 20.12 -1.39 -6.01
N PHE C 187 18.84 -1.38 -6.37
CA PHE C 187 18.47 -1.12 -7.76
C PHE C 187 19.00 0.24 -8.22
N ARG C 188 18.86 1.25 -7.37
CA ARG C 188 19.36 2.58 -7.72
C ARG C 188 20.88 2.47 -7.95
N ILE C 189 21.54 1.74 -7.07
CA ILE C 189 22.98 1.56 -7.16
C ILE C 189 23.39 0.80 -8.43
N GLN C 190 22.58 -0.14 -8.87
CA GLN C 190 22.88 -0.93 -10.06
C GLN C 190 22.55 -0.19 -11.36
N HIS C 191 21.74 0.86 -11.26
CA HIS C 191 21.33 1.64 -12.42
C HIS C 191 21.55 3.14 -12.16
N PRO C 192 22.82 3.57 -12.12
CA PRO C 192 23.19 4.97 -11.88
C PRO C 192 22.64 5.97 -12.89
N ASP C 193 22.51 5.55 -14.15
CA ASP C 193 22.03 6.44 -15.19
C ASP C 193 20.50 6.56 -15.25
N LEU C 194 19.80 5.88 -14.35
CA LEU C 194 18.35 5.96 -14.32
C LEU C 194 17.86 6.84 -13.17
N ILE C 195 16.74 7.51 -13.40
CA ILE C 195 16.13 8.35 -12.38
C ILE C 195 14.91 7.60 -11.88
N LEU C 196 14.82 7.42 -10.56
CA LEU C 196 13.68 6.73 -9.97
C LEU C 196 13.07 7.60 -8.87
N LEU C 197 11.85 8.04 -9.12
CA LEU C 197 11.12 8.87 -8.16
C LEU C 197 10.10 7.98 -7.46
N GLN C 198 10.04 8.07 -6.13
CA GLN C 198 9.09 7.27 -5.37
C GLN C 198 8.16 8.13 -4.53
N TYR C 199 6.87 7.90 -4.65
CA TYR C 199 5.91 8.63 -3.85
C TYR C 199 4.96 7.58 -3.27
N VAL C 200 5.40 6.97 -2.17
CA VAL C 200 4.64 5.91 -1.51
C VAL C 200 4.47 4.76 -2.51
N ASP C 201 3.27 4.55 -3.06
CA ASP C 201 3.11 3.45 -4.01
C ASP C 201 3.18 3.85 -5.49
N ASP C 202 3.47 5.12 -5.77
CA ASP C 202 3.56 5.59 -7.16
C ASP C 202 5.00 5.79 -7.59
N LEU C 203 5.41 5.02 -8.60
CA LEU C 203 6.78 5.09 -9.09
C LEU C 203 6.92 5.65 -10.51
N LEU C 204 7.99 6.40 -10.72
CA LEU C 204 8.30 6.97 -12.02
C LEU C 204 9.76 6.65 -12.29
N LEU C 205 10.01 5.98 -13.40
CA LEU C 205 11.37 5.64 -13.81
C LEU C 205 11.63 6.49 -15.04
N ALA C 206 12.76 7.19 -15.07
CA ALA C 206 13.08 8.05 -16.21
C ALA C 206 14.42 7.69 -16.81
N ALA C 207 14.46 7.57 -18.13
CA ALA C 207 15.68 7.23 -18.85
C ALA C 207 15.95 8.22 -19.98
N THR C 208 17.17 8.17 -20.52
CA THR C 208 17.56 9.08 -21.60
C THR C 208 17.17 8.55 -22.97
N SER C 209 17.01 7.23 -23.10
CA SER C 209 16.64 6.63 -24.37
C SER C 209 15.55 5.58 -24.18
N GLU C 210 14.83 5.28 -25.25
CA GLU C 210 13.76 4.30 -25.19
C GLU C 210 14.33 2.94 -24.78
N LEU C 211 15.51 2.62 -25.27
CA LEU C 211 16.16 1.35 -24.95
C LEU C 211 16.44 1.27 -23.46
N ASP C 212 17.14 2.27 -22.92
CA ASP C 212 17.47 2.29 -21.50
C ASP C 212 16.24 2.19 -20.63
N CYS C 213 15.15 2.80 -21.09
CA CYS C 213 13.91 2.78 -20.33
C CYS C 213 13.33 1.37 -20.37
N GLN C 214 13.50 0.70 -21.50
CA GLN C 214 13.01 -0.66 -21.67
C GLN C 214 13.80 -1.60 -20.78
N GLN C 215 15.12 -1.49 -20.85
CA GLN C 215 16.00 -2.33 -20.04
C GLN C 215 15.83 -2.02 -18.56
N GLY C 216 15.61 -0.74 -18.25
CA GLY C 216 15.44 -0.35 -16.87
C GLY C 216 14.12 -0.84 -16.32
N THR C 217 13.06 -0.73 -17.12
CA THR C 217 11.75 -1.18 -16.68
C THR C 217 11.78 -2.69 -16.44
N ARG C 218 12.45 -3.42 -17.33
CA ARG C 218 12.53 -4.87 -17.16
C ARG C 218 13.15 -5.16 -15.80
N ALA C 219 14.28 -4.51 -15.54
CA ALA C 219 14.99 -4.69 -14.28
C ALA C 219 14.14 -4.31 -13.07
N LEU C 220 13.45 -3.18 -13.14
CA LEU C 220 12.63 -2.75 -12.01
C LEU C 220 11.50 -3.74 -11.73
N LEU C 221 10.80 -4.17 -12.76
CA LEU C 221 9.71 -5.12 -12.59
C LEU C 221 10.24 -6.41 -11.98
N GLN C 222 11.38 -6.88 -12.51
CA GLN C 222 11.97 -8.11 -12.01
C GLN C 222 12.28 -7.96 -10.52
N THR C 223 12.91 -6.85 -10.16
CA THR C 223 13.28 -6.57 -8.77
C THR C 223 12.02 -6.47 -7.89
N LEU C 224 11.04 -5.68 -8.30
CA LEU C 224 9.82 -5.54 -7.51
C LEU C 224 9.17 -6.91 -7.29
N GLY C 225 9.07 -7.70 -8.35
CA GLY C 225 8.49 -9.02 -8.22
C GLY C 225 9.22 -9.86 -7.19
N ASN C 226 10.54 -9.96 -7.33
CA ASN C 226 11.35 -10.75 -6.40
C ASN C 226 11.25 -10.31 -4.95
N LEU C 227 11.12 -9.00 -4.72
CA LEU C 227 11.01 -8.46 -3.37
C LEU C 227 9.63 -8.70 -2.74
N GLY C 228 8.64 -8.97 -3.58
CA GLY C 228 7.30 -9.24 -3.06
C GLY C 228 6.26 -8.15 -3.26
N TYR C 229 6.57 -7.15 -4.09
CA TYR C 229 5.64 -6.07 -4.36
C TYR C 229 4.91 -6.42 -5.66
N ARG C 230 3.76 -5.83 -5.89
CA ARG C 230 3.00 -6.12 -7.10
C ARG C 230 2.50 -4.84 -7.76
N ALA C 231 2.79 -4.67 -9.05
CA ALA C 231 2.37 -3.50 -9.80
C ALA C 231 1.11 -3.75 -10.63
N SER C 232 0.29 -2.73 -10.79
CA SER C 232 -0.94 -2.86 -11.58
C SER C 232 -0.62 -2.88 -13.06
N ALA C 233 -0.84 -4.02 -13.71
CA ALA C 233 -0.57 -4.14 -15.13
C ALA C 233 -1.53 -3.27 -15.93
N LYS C 234 -2.77 -3.18 -15.44
CA LYS C 234 -3.79 -2.39 -16.12
C LYS C 234 -3.43 -0.91 -16.24
N LYS C 235 -2.94 -0.33 -15.15
CA LYS C 235 -2.59 1.09 -15.15
C LYS C 235 -1.17 1.41 -15.58
N ALA C 236 -0.35 0.40 -15.82
CA ALA C 236 1.03 0.62 -16.20
C ALA C 236 1.20 1.46 -17.46
N GLN C 237 2.11 2.43 -17.36
CA GLN C 237 2.44 3.30 -18.48
C GLN C 237 3.90 2.96 -18.73
N ILE C 238 4.15 2.23 -19.80
CA ILE C 238 5.50 1.79 -20.10
C ILE C 238 6.23 2.46 -21.25
N CYS C 239 7.42 2.95 -20.95
CA CYS C 239 8.28 3.60 -21.94
C CYS C 239 7.52 4.54 -22.88
N GLN C 240 6.85 5.52 -22.29
CA GLN C 240 6.10 6.50 -23.06
C GLN C 240 6.86 7.82 -22.92
N LYS C 241 6.68 8.73 -23.87
CA LYS C 241 7.35 10.02 -23.77
C LYS C 241 6.37 10.99 -23.13
N GLN C 242 5.18 10.48 -22.84
CA GLN C 242 4.13 11.25 -22.21
C GLN C 242 3.44 10.33 -21.20
N VAL C 243 3.43 10.72 -19.92
CA VAL C 243 2.78 9.91 -18.88
C VAL C 243 2.11 10.79 -17.83
N LYS C 244 1.12 10.21 -17.14
CA LYS C 244 0.43 10.91 -16.07
C LYS C 244 1.04 10.41 -14.76
N TYR C 245 1.62 11.32 -13.98
CA TYR C 245 2.22 10.94 -12.71
C TYR C 245 1.88 11.97 -11.65
N LEU C 246 1.33 11.49 -10.54
CA LEU C 246 0.97 12.34 -9.41
C LEU C 246 0.16 13.58 -9.81
N GLY C 247 -0.83 13.38 -10.67
CA GLY C 247 -1.67 14.49 -11.10
C GLY C 247 -1.10 15.39 -12.19
N TYR C 248 0.15 15.19 -12.53
CA TYR C 248 0.80 15.98 -13.57
C TYR C 248 0.87 15.18 -14.85
N LEU C 249 0.98 15.87 -15.97
CA LEU C 249 1.15 15.19 -17.25
C LEU C 249 2.57 15.57 -17.60
N LEU C 250 3.45 14.58 -17.69
CA LEU C 250 4.84 14.85 -18.03
C LEU C 250 4.97 14.79 -19.54
N LYS C 251 5.29 15.93 -20.14
CA LYS C 251 5.42 15.99 -21.59
C LYS C 251 6.42 17.06 -22.02
N GLU C 252 7.17 16.75 -23.06
CA GLU C 252 8.16 17.68 -23.59
C GLU C 252 9.00 18.28 -22.46
N GLY C 253 9.26 17.47 -21.43
CA GLY C 253 10.05 17.91 -20.30
C GLY C 253 9.35 18.93 -19.40
N GLN C 254 8.05 19.12 -19.61
CA GLN C 254 7.30 20.08 -18.82
C GLN C 254 6.54 19.50 -17.65
N ARG C 255 6.43 20.29 -16.59
CA ARG C 255 5.74 19.92 -15.36
C ARG C 255 6.54 18.98 -14.47
N1 HXL D . -11.28 18.93 9.18
N2 HXL D . -11.58 17.26 7.64
C1 HXL D . -11.61 18.56 7.93
C2 HXL D . -12.03 19.57 6.85
C3 HXL D . -13.45 20.14 6.86
C4 HXL D . -13.88 21.14 5.80
N3 HXL D . -15.04 21.73 5.66
C5 HXL D . -15.00 22.55 4.55
N4 HXL D . -13.76 22.51 3.94
C6 HXL D . -12.97 21.60 4.70
C7 HXL D . -11.52 21.06 4.65
C8 HXL D . -11.06 20.04 5.72
C9 HXL D . -16.25 23.42 4.08
C10 HXL D . -17.49 23.31 4.89
C11 HXL D . -18.73 24.08 4.56
C12 HXL D . -18.79 25.02 3.34
C13 HXL D . -17.50 25.15 2.49
C14 HXL D . -16.22 24.33 2.87
O1 HXL D . -20.02 25.80 2.98
C15 HXL D . -21.33 26.16 3.59
C16 HXL D . -21.62 26.13 5.09
C17 HXL D . -22.95 26.51 5.65
C18 HXL D . -24.11 26.95 4.80
C19 HXL D . -23.87 26.99 3.26
C20 HXL D . -22.48 26.60 2.66
C21 HXL D . -25.44 27.31 5.49
N5 HXL D . -25.48 27.60 6.80
N6 HXL D . -26.58 27.37 4.80
#